data_6YIB
#
_entry.id   6YIB
#
_cell.length_a   81.780
_cell.length_b   111.690
_cell.length_c   62.050
_cell.angle_alpha   90.000
_cell.angle_beta   90.000
_cell.angle_gamma   90.000
#
_symmetry.space_group_name_H-M   'C 2 2 21'
#
loop_
_entity.id
_entity.type
_entity.pdbx_description
1 polymer '14-3-3 protein sigma'
2 polymer SMAD3
3 non-polymer 'MAGNESIUM ION'
4 non-polymer 'CHLORIDE ION'
5 non-polymer 'CALCIUM ION'
6 non-polymer GLYCEROL
7 non-polymer 'SODIUM ION'
8 water water
#
loop_
_entity_poly.entity_id
_entity_poly.type
_entity_poly.pdbx_seq_one_letter_code
_entity_poly.pdbx_strand_id
1 'polypeptide(L)'
;GAMGSMERASLIQKAKLAEQAERYEDMAAFMKGAVEKGEELSCEERNLLSVAYKNVVGGQRAAWRVLSSIEQKSNEEGSE
EKGPEVREYREKVETELQGVCDTVLGLLDSHLIKEAGDAESRVFYLKMKGDYYRYLAEVATGDDKKRIIDSARSAYQEAM
DISKKEMPPTNPIRLGLALNFSVFHYEIANSPEEAISLAKTTFDEAMADLHTLSEDSYKDSTLIMQLLRDNLTLWT
;
A
2 'polypeptide(L)' (ACE)WPSIRCS(SEP)VS P
#
# COMPACT_ATOMS: atom_id res chain seq x y z
N GLY A 1 8.90 20.51 7.14
CA GLY A 1 10.30 20.19 7.31
C GLY A 1 10.79 20.29 8.75
N ALA A 2 9.96 19.84 9.69
CA ALA A 2 10.39 19.83 11.09
C ALA A 2 11.55 18.88 11.34
N MET A 3 11.85 17.97 10.39
CA MET A 3 12.99 17.07 10.52
C MET A 3 14.21 17.55 9.76
N GLY A 4 14.15 18.75 9.16
CA GLY A 4 15.24 19.23 8.32
C GLY A 4 16.57 19.39 9.05
N SER A 5 16.55 19.56 10.36
CA SER A 5 17.80 19.75 11.10
C SER A 5 18.37 18.45 11.64
N MET A 6 17.72 17.31 11.44
CA MET A 6 18.23 16.05 11.97
C MET A 6 19.00 15.28 10.90
N GLU A 7 20.11 14.66 11.30
CA GLU A 7 20.90 13.83 10.39
C GLU A 7 20.06 12.71 9.78
N ARG A 8 20.32 12.41 8.51
CA ARG A 8 19.65 11.29 7.85
C ARG A 8 19.77 10.00 8.66
N ALA A 9 20.98 9.68 9.11
CA ALA A 9 21.19 8.44 9.85
C ALA A 9 20.44 8.43 11.18
N SER A 10 20.38 9.58 11.86
CA SER A 10 19.59 9.65 13.09
C SER A 10 18.09 9.51 12.84
N LEU A 11 17.60 10.02 11.71
CA LEU A 11 16.19 9.84 11.40
C LEU A 11 15.86 8.36 11.20
N ILE A 12 16.73 7.61 10.52
N ILE A 12 16.74 7.64 10.49
CA ILE A 12 16.43 6.21 10.28
CA ILE A 12 16.54 6.21 10.24
C ILE A 12 16.63 5.39 11.56
C ILE A 12 16.61 5.44 11.56
N GLN A 13 17.61 5.75 12.39
CA GLN A 13 17.73 5.11 13.69
C GLN A 13 16.48 5.33 14.54
N LYS A 14 15.94 6.55 14.55
CA LYS A 14 14.76 6.82 15.36
C LYS A 14 13.51 6.19 14.76
N ALA A 15 13.44 6.07 13.43
CA ALA A 15 12.33 5.33 12.83
C ALA A 15 12.30 3.89 13.34
N LYS A 16 13.47 3.27 13.44
CA LYS A 16 13.54 1.90 13.95
C LYS A 16 13.14 1.84 15.42
N LEU A 17 13.55 2.82 16.23
CA LEU A 17 13.13 2.88 17.63
C LEU A 17 11.62 3.07 17.75
N ALA A 18 11.05 3.92 16.89
CA ALA A 18 9.61 4.16 16.92
C ALA A 18 8.85 2.92 16.54
N GLU A 19 9.40 2.11 15.61
CA GLU A 19 8.75 0.86 15.28
C GLU A 19 8.71 -0.09 16.46
N GLN A 20 9.80 -0.16 17.22
CA GLN A 20 9.82 -1.03 18.40
C GLN A 20 8.85 -0.55 19.45
N ALA A 21 8.65 0.76 19.55
CA ALA A 21 7.72 1.36 20.50
C ALA A 21 6.29 1.42 19.99
N GLU A 22 6.04 0.92 18.77
CA GLU A 22 4.73 0.99 18.12
C GLU A 22 4.22 2.42 18.04
N ARG A 23 5.13 3.36 17.80
CA ARG A 23 4.81 4.77 17.62
C ARG A 23 4.86 5.08 16.13
N TYR A 24 3.80 4.69 15.42
CA TYR A 24 3.89 4.70 13.97
C TYR A 24 3.77 6.09 13.36
N GLU A 25 3.05 7.01 14.01
N GLU A 25 3.05 7.01 14.01
CA GLU A 25 3.04 8.40 13.54
CA GLU A 25 3.02 8.40 13.54
C GLU A 25 4.44 8.99 13.61
C GLU A 25 4.42 9.02 13.63
N ASP A 26 5.13 8.77 14.72
CA ASP A 26 6.53 9.19 14.83
C ASP A 26 7.37 8.53 13.76
N MET A 27 7.20 7.22 13.58
CA MET A 27 7.95 6.49 12.57
C MET A 27 7.79 7.11 11.20
N ALA A 28 6.55 7.45 10.84
CA ALA A 28 6.30 8.01 9.51
C ALA A 28 6.91 9.40 9.38
N ALA A 29 6.87 10.20 10.44
CA ALA A 29 7.46 11.52 10.36
C ALA A 29 8.97 11.44 10.22
N PHE A 30 9.60 10.49 10.91
CA PHE A 30 11.04 10.28 10.78
C PHE A 30 11.39 9.84 9.36
N MET A 31 10.63 8.91 8.80
CA MET A 31 10.93 8.42 7.46
C MET A 31 10.64 9.47 6.41
N LYS A 32 9.60 10.28 6.59
CA LYS A 32 9.36 11.41 5.70
C LYS A 32 10.57 12.34 5.72
N GLY A 33 11.09 12.63 6.91
CA GLY A 33 12.28 13.45 7.03
C GLY A 33 13.46 12.84 6.31
N ALA A 34 13.63 11.52 6.42
CA ALA A 34 14.72 10.86 5.71
C ALA A 34 14.54 10.98 4.18
N VAL A 35 13.33 10.77 3.68
CA VAL A 35 13.11 10.91 2.25
C VAL A 35 13.45 12.32 1.80
N GLU A 36 13.08 13.32 2.59
CA GLU A 36 13.30 14.71 2.20
C GLU A 36 14.76 15.12 2.22
N LYS A 37 15.66 14.26 2.71
CA LYS A 37 17.09 14.51 2.52
C LYS A 37 17.51 14.43 1.06
N GLY A 38 16.69 13.82 0.19
CA GLY A 38 16.93 13.84 -1.24
C GLY A 38 17.72 12.67 -1.79
N GLU A 39 18.31 11.86 -0.93
N GLU A 39 18.31 11.85 -0.94
CA GLU A 39 19.04 10.68 -1.39
CA GLU A 39 19.06 10.69 -1.38
C GLU A 39 18.08 9.52 -1.64
C GLU A 39 18.13 9.50 -1.59
N GLU A 40 18.52 8.60 -2.49
CA GLU A 40 17.72 7.40 -2.72
C GLU A 40 17.68 6.57 -1.42
N LEU A 41 16.67 5.72 -1.31
CA LEU A 41 16.48 4.87 -0.14
C LEU A 41 16.97 3.45 -0.42
N SER A 42 17.61 2.85 0.57
CA SER A 42 17.95 1.44 0.49
C SER A 42 16.71 0.56 0.63
N CYS A 43 16.87 -0.74 0.36
CA CYS A 43 15.76 -1.68 0.54
C CYS A 43 15.19 -1.63 1.95
N GLU A 44 16.05 -1.68 2.97
CA GLU A 44 15.58 -1.62 4.34
C GLU A 44 14.83 -0.32 4.62
N GLU A 45 15.36 0.80 4.11
CA GLU A 45 14.72 2.10 4.33
C GLU A 45 13.36 2.18 3.62
N ARG A 46 13.27 1.65 2.40
CA ARG A 46 11.98 1.64 1.71
C ARG A 46 10.94 0.89 2.54
N ASN A 47 11.34 -0.24 3.12
CA ASN A 47 10.39 -1.01 3.92
C ASN A 47 10.01 -0.28 5.19
N LEU A 48 10.95 0.46 5.81
CA LEU A 48 10.58 1.26 6.97
C LEU A 48 9.53 2.31 6.62
N LEU A 49 9.73 2.99 5.48
CA LEU A 49 8.78 3.99 5.01
C LEU A 49 7.40 3.39 4.81
N SER A 50 7.33 2.24 4.17
N SER A 50 7.34 2.24 4.15
CA SER A 50 6.04 1.65 3.84
CA SER A 50 6.05 1.64 3.85
C SER A 50 5.35 1.03 5.05
C SER A 50 5.37 1.15 5.12
N VAL A 51 6.12 0.47 5.99
CA VAL A 51 5.53 -0.04 7.23
C VAL A 51 4.94 1.10 8.05
N ALA A 52 5.66 2.22 8.14
CA ALA A 52 5.22 3.34 8.94
C ALA A 52 3.88 3.88 8.45
N TYR A 53 3.81 4.22 7.16
CA TYR A 53 2.59 4.81 6.63
C TYR A 53 1.47 3.79 6.52
N LYS A 54 1.78 2.50 6.26
CA LYS A 54 0.72 1.50 6.25
C LYS A 54 0.02 1.43 7.60
N ASN A 55 0.79 1.54 8.69
CA ASN A 55 0.16 1.48 10.00
C ASN A 55 -0.62 2.76 10.31
N VAL A 56 -0.11 3.92 9.89
CA VAL A 56 -0.83 5.16 10.13
C VAL A 56 -2.15 5.16 9.36
N VAL A 57 -2.11 4.92 8.06
N VAL A 57 -2.11 4.94 8.05
CA VAL A 57 -3.32 4.96 7.27
CA VAL A 57 -3.36 4.96 7.29
C VAL A 57 -4.24 3.79 7.60
C VAL A 57 -4.26 3.82 7.71
N GLY A 58 -3.67 2.68 8.12
CA GLY A 58 -4.50 1.54 8.49
C GLY A 58 -5.41 1.85 9.68
N GLY A 59 -4.88 2.59 10.67
CA GLY A 59 -5.72 3.04 11.76
C GLY A 59 -6.81 4.00 11.29
N GLN A 60 -6.47 4.90 10.37
CA GLN A 60 -7.45 5.84 9.84
C GLN A 60 -8.52 5.11 9.04
N ARG A 61 -8.12 4.14 8.22
CA ARG A 61 -9.11 3.41 7.42
C ARG A 61 -10.06 2.63 8.32
N ALA A 62 -9.52 2.00 9.36
CA ALA A 62 -10.37 1.25 10.27
C ALA A 62 -11.35 2.17 10.98
N ALA A 63 -10.89 3.36 11.39
CA ALA A 63 -11.79 4.33 12.02
C ALA A 63 -12.85 4.82 11.03
N TRP A 64 -12.42 5.11 9.79
CA TRP A 64 -13.35 5.56 8.77
C TRP A 64 -14.44 4.52 8.52
N ARG A 65 -14.08 3.23 8.51
N ARG A 65 -14.08 3.23 8.51
CA ARG A 65 -15.09 2.19 8.27
CA ARG A 65 -15.07 2.19 8.27
C ARG A 65 -16.07 2.10 9.43
C ARG A 65 -16.07 2.11 9.43
N VAL A 66 -15.59 2.22 10.67
CA VAL A 66 -16.49 2.23 11.81
C VAL A 66 -17.47 3.39 11.68
N LEU A 67 -16.96 4.59 11.38
CA LEU A 67 -17.81 5.77 11.34
C LEU A 67 -18.75 5.73 10.14
N SER A 68 -18.28 5.21 9.01
N SER A 68 -18.27 5.22 9.00
CA SER A 68 -19.14 5.12 7.83
CA SER A 68 -19.12 5.11 7.82
C SER A 68 -20.30 4.18 8.08
C SER A 68 -20.31 4.19 8.10
N SER A 69 -20.06 3.07 8.76
CA SER A 69 -21.14 2.14 9.08
C SER A 69 -22.17 2.80 9.98
N ILE A 70 -21.69 3.50 11.02
CA ILE A 70 -22.62 4.22 11.90
C ILE A 70 -23.41 5.25 11.13
N GLU A 71 -22.74 5.98 10.22
CA GLU A 71 -23.43 7.01 9.45
C GLU A 71 -24.53 6.41 8.58
N GLN A 72 -24.25 5.27 7.95
CA GLN A 72 -25.24 4.66 7.05
C GLN A 72 -26.43 4.12 7.82
N LYS A 73 -26.20 3.54 9.00
CA LYS A 73 -27.33 3.09 9.82
C LYS A 73 -28.14 4.27 10.35
N SER A 74 -27.49 5.41 10.59
CA SER A 74 -28.20 6.60 11.06
C SER A 74 -29.00 7.27 9.95
N ASN A 75 -28.73 6.92 8.69
CA ASN A 75 -29.48 7.42 7.55
C ASN A 75 -30.50 6.41 7.01
N GLU A 76 -30.61 5.25 7.64
CA GLU A 76 -31.50 4.20 7.15
C GLU A 76 -32.97 4.56 7.33
N GLU A 81 -32.78 8.73 14.33
CA GLU A 81 -31.49 9.38 14.42
C GLU A 81 -31.45 10.67 13.60
N LYS A 82 -30.69 11.65 14.08
CA LYS A 82 -30.55 12.93 13.40
C LYS A 82 -29.39 13.67 14.04
N GLY A 83 -28.96 14.75 13.38
CA GLY A 83 -27.83 15.53 13.82
C GLY A 83 -26.64 15.36 12.91
N PRO A 84 -25.88 16.43 12.71
CA PRO A 84 -24.76 16.39 11.75
C PRO A 84 -23.49 15.75 12.30
N GLU A 85 -23.49 15.32 13.56
CA GLU A 85 -22.23 14.99 14.23
C GLU A 85 -21.54 13.78 13.60
N VAL A 86 -22.30 12.73 13.24
CA VAL A 86 -21.62 11.54 12.71
C VAL A 86 -21.00 11.85 11.37
N ARG A 87 -21.72 12.57 10.51
CA ARG A 87 -21.16 12.97 9.22
C ARG A 87 -19.94 13.87 9.42
N GLU A 88 -20.04 14.84 10.34
CA GLU A 88 -18.93 15.76 10.58
C GLU A 88 -17.68 14.99 10.99
N TYR A 89 -17.83 14.06 11.93
CA TYR A 89 -16.66 13.37 12.46
C TYR A 89 -16.10 12.39 11.42
N ARG A 90 -16.98 11.71 10.66
CA ARG A 90 -16.51 10.89 9.55
C ARG A 90 -15.71 11.72 8.54
N GLU A 91 -16.22 12.90 8.18
CA GLU A 91 -15.53 13.80 7.27
C GLU A 91 -14.16 14.23 7.82
N LYS A 92 -14.10 14.47 9.13
N LYS A 92 -14.08 14.45 9.14
CA LYS A 92 -12.83 14.84 9.76
CA LYS A 92 -12.80 14.85 9.72
C LYS A 92 -11.80 13.73 9.58
C LYS A 92 -11.77 13.73 9.61
N VAL A 93 -12.18 12.50 9.93
CA VAL A 93 -11.26 11.37 9.78
C VAL A 93 -10.91 11.17 8.31
N GLU A 94 -11.90 11.28 7.43
CA GLU A 94 -11.68 11.18 5.99
C GLU A 94 -10.67 12.21 5.50
N THR A 95 -10.80 13.46 5.96
CA THR A 95 -9.89 14.51 5.52
C THR A 95 -8.46 14.23 6.00
N GLU A 96 -8.32 13.70 7.22
N GLU A 96 -8.33 13.74 7.23
CA GLU A 96 -6.99 13.40 7.73
CA GLU A 96 -7.02 13.37 7.75
C GLU A 96 -6.38 12.21 6.99
C GLU A 96 -6.39 12.26 6.93
N LEU A 97 -7.19 11.22 6.63
CA LEU A 97 -6.72 10.10 5.82
C LEU A 97 -6.25 10.57 4.44
N GLN A 98 -7.06 11.41 3.79
CA GLN A 98 -6.69 11.95 2.49
C GLN A 98 -5.39 12.73 2.58
N GLY A 99 -5.20 13.44 3.69
CA GLY A 99 -3.98 14.19 3.86
C GLY A 99 -2.76 13.30 3.96
N VAL A 100 -2.89 12.17 4.66
CA VAL A 100 -1.76 11.24 4.74
C VAL A 100 -1.48 10.65 3.37
N CYS A 101 -2.53 10.24 2.64
N CYS A 101 -2.53 10.22 2.65
CA CYS A 101 -2.29 9.69 1.30
CA CYS A 101 -2.36 9.73 1.28
C CYS A 101 -1.63 10.74 0.39
C CYS A 101 -1.62 10.75 0.43
N ASP A 102 -2.08 12.01 0.46
CA ASP A 102 -1.45 13.04 -0.34
C ASP A 102 0.02 13.22 0.04
N THR A 103 0.33 13.12 1.33
CA THR A 103 1.72 13.20 1.77
C THR A 103 2.57 12.10 1.13
N VAL A 104 2.08 10.85 1.19
CA VAL A 104 2.83 9.73 0.63
C VAL A 104 2.98 9.90 -0.87
N LEU A 105 1.87 10.20 -1.56
CA LEU A 105 1.94 10.37 -3.00
C LEU A 105 2.88 11.51 -3.38
N GLY A 106 2.94 12.54 -2.53
CA GLY A 106 3.86 13.64 -2.76
C GLY A 106 5.31 13.24 -2.62
N LEU A 107 5.62 12.35 -1.65
CA LEU A 107 6.99 11.86 -1.53
C LEU A 107 7.36 11.02 -2.74
N LEU A 108 6.43 10.21 -3.22
CA LEU A 108 6.70 9.39 -4.40
C LEU A 108 6.92 10.25 -5.63
N ASP A 109 6.15 11.34 -5.77
CA ASP A 109 6.30 12.20 -6.93
C ASP A 109 7.48 13.16 -6.81
N SER A 110 7.98 13.39 -5.60
CA SER A 110 9.02 14.40 -5.35
C SER A 110 10.04 13.84 -4.35
N HIS A 111 10.95 12.97 -4.80
CA HIS A 111 11.14 12.58 -6.20
C HIS A 111 11.53 11.11 -6.26
N LEU A 112 10.90 10.28 -5.43
CA LEU A 112 11.35 8.90 -5.29
C LEU A 112 11.24 8.11 -6.58
N ILE A 113 10.09 8.21 -7.26
CA ILE A 113 9.88 7.38 -8.45
C ILE A 113 10.82 7.79 -9.58
N LYS A 114 10.98 9.10 -9.81
CA LYS A 114 11.77 9.51 -10.97
C LYS A 114 13.24 9.13 -10.82
N GLU A 115 13.73 8.98 -9.59
CA GLU A 115 15.12 8.57 -9.41
C GLU A 115 15.31 7.06 -9.30
N ALA A 116 14.24 6.28 -9.25
CA ALA A 116 14.31 4.84 -9.04
C ALA A 116 14.56 4.16 -10.38
N GLY A 117 15.79 3.70 -10.59
CA GLY A 117 16.18 3.07 -11.85
C GLY A 117 16.20 1.55 -11.82
N ASP A 118 16.44 0.97 -10.65
N ASP A 118 16.49 0.96 -10.67
CA ASP A 118 16.46 -0.49 -10.51
CA ASP A 118 16.46 -0.48 -10.62
C ASP A 118 15.05 -1.04 -10.38
C ASP A 118 15.01 -0.97 -10.71
N ALA A 119 14.87 -2.28 -10.85
CA ALA A 119 13.55 -2.90 -10.83
C ALA A 119 12.96 -2.94 -9.44
N GLU A 120 13.75 -3.39 -8.45
CA GLU A 120 13.20 -3.57 -7.10
C GLU A 120 12.69 -2.25 -6.54
N SER A 121 13.42 -1.15 -6.74
N SER A 121 13.42 -1.15 -6.73
CA SER A 121 13.00 0.13 -6.19
CA SER A 121 12.98 0.12 -6.17
C SER A 121 11.83 0.70 -6.97
C SER A 121 11.81 0.70 -6.97
N ARG A 122 11.90 0.67 -8.31
CA ARG A 122 10.82 1.24 -9.10
C ARG A 122 9.51 0.50 -8.87
N VAL A 123 9.55 -0.83 -8.83
CA VAL A 123 8.32 -1.61 -8.61
C VAL A 123 7.77 -1.32 -7.21
N PHE A 124 8.65 -1.25 -6.20
CA PHE A 124 8.21 -0.93 -4.84
C PHE A 124 7.46 0.39 -4.78
N TYR A 125 8.03 1.44 -5.37
CA TYR A 125 7.39 2.75 -5.29
C TYR A 125 6.12 2.82 -6.13
N LEU A 126 6.10 2.17 -7.31
CA LEU A 126 4.86 2.18 -8.10
C LEU A 126 3.76 1.40 -7.41
N LYS A 127 4.11 0.31 -6.71
CA LYS A 127 3.12 -0.38 -5.88
C LYS A 127 2.57 0.52 -4.79
N MET A 128 3.45 1.27 -4.12
N MET A 128 3.45 1.27 -4.11
CA MET A 128 3.01 2.21 -3.09
CA MET A 128 2.98 2.21 -3.09
C MET A 128 2.07 3.25 -3.67
C MET A 128 2.05 3.24 -3.69
N LYS A 129 2.39 3.76 -4.87
CA LYS A 129 1.53 4.74 -5.52
C LYS A 129 0.15 4.15 -5.81
N GLY A 130 0.11 2.92 -6.33
CA GLY A 130 -1.18 2.25 -6.47
C GLY A 130 -1.92 2.10 -5.15
N ASP A 131 -1.21 1.71 -4.09
CA ASP A 131 -1.84 1.50 -2.79
C ASP A 131 -2.50 2.77 -2.27
N TYR A 132 -1.77 3.90 -2.30
CA TYR A 132 -2.30 5.09 -1.66
C TYR A 132 -3.37 5.75 -2.54
N TYR A 133 -3.32 5.57 -3.87
CA TYR A 133 -4.49 5.94 -4.67
C TYR A 133 -5.66 5.01 -4.38
N ARG A 134 -5.40 3.72 -4.12
CA ARG A 134 -6.46 2.80 -3.73
C ARG A 134 -7.12 3.24 -2.41
N TYR A 135 -6.32 3.69 -1.44
CA TYR A 135 -6.92 4.14 -0.17
C TYR A 135 -7.76 5.40 -0.39
N LEU A 136 -7.32 6.30 -1.26
CA LEU A 136 -8.15 7.45 -1.63
C LEU A 136 -9.43 6.98 -2.29
N ALA A 137 -9.35 5.96 -3.14
CA ALA A 137 -10.54 5.48 -3.85
C ALA A 137 -11.57 4.89 -2.90
N GLU A 138 -11.13 4.31 -1.78
CA GLU A 138 -12.06 3.70 -0.83
C GLU A 138 -13.02 4.73 -0.25
N VAL A 139 -12.62 6.01 -0.17
CA VAL A 139 -13.45 7.06 0.40
C VAL A 139 -13.94 8.05 -0.64
N ALA A 140 -13.59 7.87 -1.91
CA ALA A 140 -13.92 8.85 -2.93
C ALA A 140 -15.38 8.73 -3.35
N THR A 141 -16.02 9.87 -3.58
CA THR A 141 -17.39 9.90 -4.08
C THR A 141 -17.65 10.92 -5.18
N GLY A 142 -16.81 11.93 -5.35
CA GLY A 142 -17.15 13.10 -6.13
C GLY A 142 -16.63 13.08 -7.55
N ASP A 143 -16.27 14.27 -8.04
CA ASP A 143 -15.97 14.47 -9.45
C ASP A 143 -14.80 13.63 -9.94
N ASP A 144 -13.86 13.30 -9.04
N ASP A 144 -13.83 13.32 -9.07
CA ASP A 144 -12.60 12.67 -9.43
CA ASP A 144 -12.62 12.64 -9.50
C ASP A 144 -12.50 11.21 -9.04
C ASP A 144 -12.49 11.23 -8.96
N LYS A 145 -13.61 10.59 -8.59
CA LYS A 145 -13.54 9.20 -8.14
C LYS A 145 -13.01 8.29 -9.24
N LYS A 146 -13.46 8.49 -10.46
CA LYS A 146 -12.98 7.63 -11.55
C LYS A 146 -11.53 7.92 -11.91
N ARG A 147 -11.11 9.19 -11.83
CA ARG A 147 -9.72 9.53 -12.09
C ARG A 147 -8.81 8.95 -11.02
N ILE A 148 -9.27 8.91 -9.77
CA ILE A 148 -8.47 8.31 -8.70
C ILE A 148 -8.31 6.81 -8.94
N ILE A 149 -9.40 6.13 -9.31
CA ILE A 149 -9.33 4.69 -9.56
C ILE A 149 -8.37 4.40 -10.71
N ASP A 150 -8.40 5.23 -11.75
N ASP A 150 -8.42 5.23 -11.76
CA ASP A 150 -7.50 4.95 -12.86
CA ASP A 150 -7.51 5.05 -12.88
C ASP A 150 -6.05 5.33 -12.55
C ASP A 150 -6.06 5.26 -12.47
N SER A 151 -5.81 6.26 -11.61
CA SER A 151 -4.44 6.50 -11.16
C SER A 151 -3.89 5.31 -10.41
N ALA A 152 -4.71 4.69 -9.56
CA ALA A 152 -4.27 3.44 -8.91
C ALA A 152 -3.99 2.37 -9.95
N ARG A 153 -4.92 2.19 -10.90
N ARG A 153 -4.96 2.12 -10.85
CA ARG A 153 -4.72 1.19 -11.95
CA ARG A 153 -4.81 1.05 -11.81
C ARG A 153 -3.43 1.45 -12.73
C ARG A 153 -3.57 1.25 -12.68
N SER A 154 -3.24 2.68 -13.22
N SER A 154 -3.32 2.49 -13.11
CA SER A 154 -2.08 2.98 -14.04
CA SER A 154 -2.17 2.76 -13.97
C SER A 154 -0.77 2.74 -13.29
C SER A 154 -0.85 2.53 -13.24
N ALA A 155 -0.75 2.98 -11.98
CA ALA A 155 0.46 2.73 -11.20
C ALA A 155 0.69 1.25 -11.02
N TYR A 156 -0.35 0.52 -10.62
CA TYR A 156 -0.21 -0.93 -10.45
C TYR A 156 0.17 -1.61 -11.77
N GLN A 157 -0.43 -1.17 -12.87
CA GLN A 157 -0.14 -1.79 -14.16
C GLN A 157 1.31 -1.57 -14.57
N GLU A 158 1.82 -0.34 -14.40
CA GLU A 158 3.21 -0.07 -14.72
C GLU A 158 4.15 -0.91 -13.86
N ALA A 159 3.82 -1.05 -12.58
CA ALA A 159 4.60 -1.90 -11.69
C ALA A 159 4.57 -3.34 -12.14
N MET A 160 3.39 -3.83 -12.53
CA MET A 160 3.25 -5.21 -13.00
C MET A 160 4.10 -5.44 -14.24
N ASP A 161 4.07 -4.48 -15.17
CA ASP A 161 4.82 -4.64 -16.42
C ASP A 161 6.32 -4.77 -16.16
N ILE A 162 6.85 -3.90 -15.30
CA ILE A 162 8.27 -3.99 -14.93
C ILE A 162 8.54 -5.30 -14.20
N SER A 163 7.67 -5.67 -13.25
CA SER A 163 7.95 -6.84 -12.43
C SER A 163 7.95 -8.12 -13.27
N LYS A 164 7.09 -8.20 -14.28
CA LYS A 164 7.09 -9.41 -15.09
C LYS A 164 8.33 -9.48 -15.98
N LYS A 165 8.90 -8.33 -16.37
CA LYS A 165 10.11 -8.36 -17.18
C LYS A 165 11.38 -8.56 -16.35
N GLU A 166 11.42 -8.06 -15.11
CA GLU A 166 12.68 -7.93 -14.40
C GLU A 166 12.81 -8.77 -13.14
N MET A 167 11.75 -9.41 -12.67
CA MET A 167 11.81 -10.13 -11.40
C MET A 167 11.29 -11.54 -11.56
N PRO A 168 11.79 -12.48 -10.79
CA PRO A 168 11.23 -13.83 -10.80
C PRO A 168 9.84 -13.84 -10.17
N PRO A 169 9.03 -14.84 -10.50
CA PRO A 169 7.65 -14.86 -10.00
C PRO A 169 7.55 -15.08 -8.51
N THR A 170 8.63 -15.48 -7.83
CA THR A 170 8.62 -15.64 -6.38
C THR A 170 9.11 -14.39 -5.64
N ASN A 171 9.55 -13.37 -6.35
CA ASN A 171 10.06 -12.17 -5.69
C ASN A 171 8.98 -11.58 -4.77
N PRO A 172 9.28 -11.35 -3.50
CA PRO A 172 8.23 -10.90 -2.57
C PRO A 172 7.61 -9.56 -2.95
N ILE A 173 8.38 -8.66 -3.57
CA ILE A 173 7.79 -7.40 -4.03
C ILE A 173 6.79 -7.67 -5.14
N ARG A 174 7.17 -8.51 -6.11
CA ARG A 174 6.26 -8.88 -7.18
C ARG A 174 5.01 -9.57 -6.63
N LEU A 175 5.19 -10.50 -5.69
CA LEU A 175 4.04 -11.18 -5.09
C LEU A 175 3.11 -10.21 -4.36
N GLY A 176 3.68 -9.30 -3.56
CA GLY A 176 2.84 -8.36 -2.82
C GLY A 176 2.13 -7.36 -3.72
N LEU A 177 2.80 -6.94 -4.80
CA LEU A 177 2.15 -6.11 -5.80
C LEU A 177 0.94 -6.82 -6.39
N ALA A 178 1.12 -8.08 -6.78
CA ALA A 178 0.01 -8.82 -7.37
C ALA A 178 -1.13 -9.00 -6.38
N LEU A 179 -0.81 -9.35 -5.13
CA LEU A 179 -1.81 -9.44 -4.06
C LEU A 179 -2.62 -8.16 -3.95
N ASN A 180 -1.94 -7.01 -3.84
CA ASN A 180 -2.66 -5.75 -3.64
C ASN A 180 -3.41 -5.32 -4.90
N PHE A 181 -2.83 -5.59 -6.08
CA PHE A 181 -3.54 -5.27 -7.31
C PHE A 181 -4.81 -6.12 -7.44
N SER A 182 -4.75 -7.38 -7.01
CA SER A 182 -5.95 -8.21 -7.02
C SER A 182 -7.00 -7.69 -6.04
N VAL A 183 -6.57 -7.17 -4.88
CA VAL A 183 -7.52 -6.53 -3.95
C VAL A 183 -8.14 -5.30 -4.60
N PHE A 184 -7.33 -4.50 -5.30
CA PHE A 184 -7.86 -3.37 -6.05
C PHE A 184 -8.95 -3.82 -7.01
N HIS A 185 -8.69 -4.90 -7.77
CA HIS A 185 -9.70 -5.36 -8.72
C HIS A 185 -10.99 -5.76 -8.00
N TYR A 186 -10.87 -6.44 -6.86
CA TYR A 186 -12.05 -7.00 -6.20
C TYR A 186 -12.85 -5.90 -5.50
N GLU A 187 -12.15 -5.03 -4.77
CA GLU A 187 -12.80 -4.09 -3.86
C GLU A 187 -13.08 -2.73 -4.49
N ILE A 188 -12.28 -2.30 -5.45
CA ILE A 188 -12.36 -0.94 -5.99
C ILE A 188 -12.94 -0.94 -7.39
N ALA A 189 -12.43 -1.79 -8.27
CA ALA A 189 -12.82 -1.77 -9.67
C ALA A 189 -14.03 -2.63 -9.96
N ASN A 190 -14.62 -3.27 -8.94
CA ASN A 190 -15.79 -4.13 -9.14
C ASN A 190 -15.50 -5.19 -10.19
N SER A 191 -14.30 -5.77 -10.14
CA SER A 191 -13.85 -6.74 -11.14
C SER A 191 -13.41 -8.01 -10.43
N PRO A 192 -14.33 -8.73 -9.81
CA PRO A 192 -13.93 -9.92 -9.04
C PRO A 192 -13.30 -11.00 -9.89
N GLU A 193 -13.73 -11.17 -11.14
CA GLU A 193 -13.12 -12.20 -11.95
C GLU A 193 -11.67 -11.87 -12.27
N GLU A 194 -11.37 -10.59 -12.53
CA GLU A 194 -9.99 -10.17 -12.73
C GLU A 194 -9.17 -10.40 -11.47
N ALA A 195 -9.75 -10.10 -10.30
CA ALA A 195 -9.05 -10.31 -9.03
C ALA A 195 -8.68 -11.78 -8.84
N ILE A 196 -9.65 -12.67 -9.06
CA ILE A 196 -9.43 -14.10 -8.87
C ILE A 196 -8.40 -14.63 -9.88
N SER A 197 -8.52 -14.22 -11.14
N SER A 197 -8.55 -14.24 -11.15
CA SER A 197 -7.59 -14.69 -12.17
CA SER A 197 -7.60 -14.67 -12.18
C SER A 197 -6.17 -14.23 -11.88
C SER A 197 -6.19 -14.26 -11.81
N LEU A 198 -6.01 -12.99 -11.42
CA LEU A 198 -4.67 -12.50 -11.11
C LEU A 198 -4.10 -13.24 -9.90
N ALA A 199 -4.90 -13.45 -8.85
CA ALA A 199 -4.40 -14.14 -7.68
C ALA A 199 -4.01 -15.58 -8.00
N LYS A 200 -4.83 -16.27 -8.81
N LYS A 200 -4.84 -16.26 -8.81
CA LYS A 200 -4.53 -17.67 -9.14
CA LYS A 200 -4.59 -17.65 -9.18
C LYS A 200 -3.29 -17.78 -10.04
C LYS A 200 -3.30 -17.79 -9.97
N THR A 201 -3.19 -16.93 -11.07
N THR A 201 -3.17 -17.03 -11.07
CA THR A 201 -2.03 -16.98 -11.95
CA THR A 201 -1.96 -17.14 -11.88
C THR A 201 -0.74 -16.66 -11.20
C THR A 201 -0.73 -16.77 -11.07
N THR A 202 -0.81 -15.67 -10.31
CA THR A 202 0.34 -15.30 -9.47
C THR A 202 0.76 -16.45 -8.57
N PHE A 203 -0.21 -17.09 -7.94
CA PHE A 203 0.08 -18.20 -7.03
C PHE A 203 0.72 -19.36 -7.79
N ASP A 204 0.16 -19.72 -8.94
CA ASP A 204 0.62 -20.88 -9.68
C ASP A 204 2.02 -20.66 -10.25
N GLU A 205 2.29 -19.47 -10.79
CA GLU A 205 3.63 -19.19 -11.31
C GLU A 205 4.67 -19.13 -10.19
N ALA A 206 4.28 -18.65 -9.00
CA ALA A 206 5.22 -18.67 -7.88
C ALA A 206 5.50 -20.10 -7.43
N MET A 207 4.46 -20.94 -7.37
N MET A 207 4.45 -20.93 -7.35
CA MET A 207 4.65 -22.32 -6.94
CA MET A 207 4.61 -22.33 -6.97
C MET A 207 5.69 -23.04 -7.79
C MET A 207 5.71 -22.99 -7.79
N ALA A 208 5.66 -22.81 -9.11
CA ALA A 208 6.56 -23.48 -10.04
C ALA A 208 7.98 -22.92 -10.01
N ASP A 209 8.22 -21.84 -9.26
CA ASP A 209 9.55 -21.24 -9.14
C ASP A 209 10.14 -21.43 -7.74
N LEU A 210 9.37 -22.03 -6.81
CA LEU A 210 9.87 -22.20 -5.44
C LEU A 210 11.11 -23.08 -5.39
N HIS A 211 11.26 -24.00 -6.36
CA HIS A 211 12.37 -24.94 -6.29
C HIS A 211 13.73 -24.24 -6.40
N THR A 212 13.77 -23.00 -6.90
CA THR A 212 15.04 -22.30 -7.02
C THR A 212 15.52 -21.75 -5.68
N LEU A 213 14.59 -21.47 -4.77
CA LEU A 213 14.85 -20.62 -3.61
C LEU A 213 15.64 -21.34 -2.52
N SER A 214 16.39 -20.55 -1.75
CA SER A 214 16.92 -20.99 -0.47
C SER A 214 15.78 -21.12 0.53
N GLU A 215 16.11 -21.68 1.70
CA GLU A 215 15.10 -21.86 2.74
C GLU A 215 14.55 -20.52 3.23
N ASP A 216 15.42 -19.51 3.39
CA ASP A 216 14.94 -18.21 3.84
C ASP A 216 14.05 -17.54 2.78
N SER A 217 14.46 -17.58 1.52
CA SER A 217 13.63 -16.99 0.46
C SER A 217 12.33 -17.76 0.30
N TYR A 218 12.38 -19.08 0.46
CA TYR A 218 11.16 -19.89 0.43
C TYR A 218 10.15 -19.42 1.47
N LYS A 219 10.63 -19.15 2.70
N LYS A 219 10.62 -19.14 2.69
CA LYS A 219 9.74 -18.69 3.75
CA LYS A 219 9.72 -18.69 3.74
C LYS A 219 9.13 -17.33 3.40
C LYS A 219 9.14 -17.32 3.41
N ASP A 220 9.95 -16.42 2.85
CA ASP A 220 9.45 -15.10 2.46
C ASP A 220 8.36 -15.22 1.40
N SER A 221 8.62 -15.99 0.35
CA SER A 221 7.65 -16.09 -0.74
C SER A 221 6.38 -16.83 -0.33
N THR A 222 6.51 -17.93 0.41
CA THR A 222 5.30 -18.68 0.74
C THR A 222 4.40 -17.95 1.74
N LEU A 223 4.95 -17.03 2.54
CA LEU A 223 4.09 -16.24 3.41
C LEU A 223 3.11 -15.40 2.59
N ILE A 224 3.61 -14.79 1.51
N ILE A 224 3.60 -14.77 1.52
CA ILE A 224 2.74 -13.97 0.67
CA ILE A 224 2.69 -13.97 0.70
C ILE A 224 1.81 -14.84 -0.15
C ILE A 224 1.77 -14.86 -0.12
N MET A 225 2.28 -16.01 -0.59
CA MET A 225 1.42 -16.94 -1.32
C MET A 225 0.23 -17.38 -0.46
N GLN A 226 0.45 -17.52 0.85
CA GLN A 226 -0.65 -17.90 1.73
C GLN A 226 -1.73 -16.81 1.74
N LEU A 227 -1.32 -15.54 1.69
CA LEU A 227 -2.30 -14.45 1.64
C LEU A 227 -3.08 -14.48 0.33
N LEU A 228 -2.41 -14.80 -0.79
CA LEU A 228 -3.14 -14.97 -2.04
C LEU A 228 -4.18 -16.08 -1.91
N ARG A 229 -3.79 -17.20 -1.29
N ARG A 229 -3.79 -17.21 -1.30
CA ARG A 229 -4.73 -18.31 -1.12
CA ARG A 229 -4.72 -18.31 -1.12
C ARG A 229 -5.87 -17.93 -0.17
C ARG A 229 -5.85 -17.93 -0.17
N ASP A 230 -5.55 -17.19 0.90
CA ASP A 230 -6.58 -16.74 1.83
C ASP A 230 -7.62 -15.88 1.12
N ASN A 231 -7.16 -14.98 0.24
CA ASN A 231 -8.11 -14.16 -0.51
C ASN A 231 -8.95 -15.03 -1.45
N LEU A 232 -8.31 -15.94 -2.18
CA LEU A 232 -9.05 -16.81 -3.10
C LEU A 232 -10.10 -17.63 -2.36
N THR A 233 -9.79 -18.07 -1.13
CA THR A 233 -10.76 -18.82 -0.34
C THR A 233 -11.94 -17.93 0.05
N LEU A 234 -11.67 -16.67 0.36
CA LEU A 234 -12.76 -15.73 0.64
C LEU A 234 -13.60 -15.46 -0.60
N TRP A 235 -12.96 -15.36 -1.77
CA TRP A 235 -13.63 -14.93 -2.99
C TRP A 235 -14.28 -16.05 -3.78
N THR A 236 -13.95 -17.30 -3.50
CA THR A 236 -14.49 -18.42 -4.26
C THR A 236 -15.11 -19.46 -3.34
N ILE B 5 -14.94 -11.73 6.44
CA ILE B 5 -13.54 -11.37 6.59
C ILE B 5 -13.20 -10.31 5.55
N ARG B 6 -12.18 -9.50 5.83
CA ARG B 6 -11.65 -8.50 4.90
C ARG B 6 -10.47 -9.09 4.13
N CYS B 7 -10.20 -8.51 2.97
CA CYS B 7 -9.11 -9.00 2.12
C CYS B 7 -7.75 -8.69 2.74
N SER B 8 -6.80 -9.59 2.49
CA SER B 8 -5.43 -9.38 2.94
C SER B 8 -4.62 -8.60 1.91
N VAL B 10 -0.52 -6.23 1.60
CA VAL B 10 0.78 -6.04 2.27
C VAL B 10 1.42 -4.68 1.99
N SER B 11 2.35 -4.29 2.86
CA SER B 11 3.09 -3.04 2.64
C SER B 11 4.18 -3.22 1.58
#